data_3G7I
#
_entry.id   3G7I
#
_cell.length_a   50.378
_cell.length_b   50.378
_cell.length_c   272.049
_cell.angle_alpha   90.00
_cell.angle_beta   90.00
_cell.angle_gamma   120.00
#
_symmetry.space_group_name_H-M   'P 32 2 1'
#
loop_
_entity.id
_entity.type
_entity.pdbx_description
1 polymer 'Glutathione transferase GST1-4'
2 non-polymer GLUTATHIONE
3 water water
#
_entity_poly.entity_id   1
_entity_poly.type   'polypeptide(L)'
_entity_poly.pdbx_seq_one_letter_code
;MDFYYLPGSAPCRAVQMTAAAVGVELNLKLTNLMAGEHMKPEFLKLNPQHCIPTLVDEDGFVLWESRAIQIYLVEKYGAH
DADLAERLYPSDPRRRAVVHQRLFFDVAVLYQRFAEYYYPQIFGQKVPVGDPGRLRSMEQALEFLNTFLEGEQYVAGGDD
PTIADLSILATIATYEVAGYDLRRYENVQRWYERTSAIVPGADKNVEGAKVFGRYFTQK
;
_entity_poly.pdbx_strand_id   A,B
#
# COMPACT_ATOMS: atom_id res chain seq x y z
N MET A 1 8.15 -16.41 -17.22
CA MET A 1 7.64 -15.03 -17.01
C MET A 1 8.80 -14.04 -17.03
N ASP A 2 8.68 -13.01 -17.84
CA ASP A 2 9.70 -11.96 -17.87
C ASP A 2 9.57 -11.03 -16.66
N PHE A 3 10.70 -10.68 -16.07
CA PHE A 3 10.73 -9.83 -14.88
C PHE A 3 11.68 -8.66 -15.14
N TYR A 4 11.12 -7.47 -15.32
CA TYR A 4 11.91 -6.26 -15.57
C TYR A 4 12.28 -5.65 -14.22
N TYR A 5 13.58 -5.61 -13.93
CA TYR A 5 14.03 -5.38 -12.55
C TYR A 5 15.42 -4.73 -12.43
N LEU A 6 15.74 -4.29 -11.20
CA LEU A 6 17.13 -4.04 -10.78
C LEU A 6 17.37 -4.69 -9.42
N PRO A 7 18.53 -5.37 -9.24
CA PRO A 7 18.82 -6.07 -7.98
C PRO A 7 18.79 -5.17 -6.76
N GLY A 8 19.24 -3.92 -6.92
CA GLY A 8 19.24 -2.96 -5.82
C GLY A 8 17.86 -2.59 -5.29
N SER A 9 16.82 -2.79 -6.10
CA SER A 9 15.45 -2.36 -5.76
C SER A 9 14.75 -3.28 -4.75
N ALA A 10 14.36 -2.73 -3.59
CA ALA A 10 13.59 -3.48 -2.57
C ALA A 10 12.29 -4.10 -3.09
N PRO A 11 11.43 -3.30 -3.78
CA PRO A 11 10.26 -3.94 -4.43
C PRO A 11 10.61 -5.11 -5.37
N CYS A 12 11.66 -4.96 -6.16
CA CYS A 12 12.10 -6.07 -7.00
C CYS A 12 12.50 -7.31 -6.15
N ARG A 13 13.26 -7.07 -5.09
CA ARG A 13 13.71 -8.16 -4.21
C ARG A 13 12.55 -8.89 -3.47
N ALA A 14 11.54 -8.14 -3.07
CA ALA A 14 10.32 -8.74 -2.48
C ALA A 14 9.65 -9.73 -3.45
N VAL A 15 9.56 -9.35 -4.72
CA VAL A 15 9.01 -10.26 -5.74
C VAL A 15 9.91 -11.49 -5.93
N GLN A 16 11.23 -11.28 -6.02
CA GLN A 16 12.15 -12.40 -6.18
C GLN A 16 11.99 -13.44 -5.05
N MET A 17 11.89 -12.99 -3.81
CA MET A 17 11.67 -13.89 -2.69
C MET A 17 10.31 -14.61 -2.75
N THR A 18 9.27 -13.88 -3.15
CA THR A 18 7.93 -14.44 -3.30
C THR A 18 7.89 -15.50 -4.40
N ALA A 19 8.55 -15.22 -5.52
CA ALA A 19 8.60 -16.16 -6.63
C ALA A 19 9.36 -17.43 -6.22
N ALA A 20 10.47 -17.24 -5.50
CA ALA A 20 11.21 -18.36 -4.94
C ALA A 20 10.29 -19.20 -4.05
N ALA A 21 9.49 -18.53 -3.21
CA ALA A 21 8.57 -19.20 -2.29
C ALA A 21 7.51 -20.05 -2.99
N VAL A 22 7.03 -19.61 -4.14
CA VAL A 22 5.96 -20.34 -4.84
C VAL A 22 6.51 -21.27 -5.92
N GLY A 23 7.82 -21.28 -6.08
CA GLY A 23 8.48 -22.18 -7.03
C GLY A 23 8.43 -21.66 -8.45
N VAL A 24 8.34 -20.34 -8.57
CA VAL A 24 8.29 -19.67 -9.88
C VAL A 24 9.72 -19.23 -10.25
N GLU A 25 10.16 -19.59 -11.44
CA GLU A 25 11.46 -19.15 -11.95
C GLU A 25 11.22 -17.92 -12.83
N LEU A 26 11.82 -16.81 -12.45
CA LEU A 26 11.66 -15.56 -13.21
C LEU A 26 12.75 -15.41 -14.25
N ASN A 27 12.36 -15.05 -15.47
CA ASN A 27 13.34 -14.65 -16.50
C ASN A 27 13.71 -13.18 -16.29
N LEU A 28 14.88 -12.97 -15.68
CA LEU A 28 15.33 -11.66 -15.22
C LEU A 28 15.77 -10.75 -16.35
N LYS A 29 15.17 -9.56 -16.41
CA LYS A 29 15.53 -8.57 -17.42
C LYS A 29 15.96 -7.26 -16.76
N LEU A 30 17.26 -7.01 -16.77
CA LEU A 30 17.84 -5.80 -16.19
C LEU A 30 17.40 -4.58 -16.98
N THR A 31 16.75 -3.66 -16.28
CA THR A 31 16.14 -2.48 -16.85
C THR A 31 16.80 -1.29 -16.17
N ASN A 32 17.90 -0.82 -16.77
CA ASN A 32 18.66 0.30 -16.20
C ASN A 32 17.93 1.63 -16.37
N LEU A 33 17.55 2.21 -15.24
CA LEU A 33 16.60 3.32 -15.20
C LEU A 33 17.24 4.67 -15.47
N MET A 34 18.33 4.95 -14.76
CA MET A 34 19.11 6.18 -14.95
C MET A 34 19.48 6.36 -16.43
N ALA A 35 19.42 5.26 -17.19
CA ALA A 35 19.60 5.28 -18.64
C ALA A 35 18.26 5.47 -19.37
N GLY A 36 17.21 4.89 -18.81
CA GLY A 36 15.85 4.97 -19.38
C GLY A 36 15.57 3.84 -20.35
N GLU A 37 15.44 2.62 -19.82
CA GLU A 37 15.22 1.44 -20.66
C GLU A 37 13.80 0.90 -20.56
N ASN A 47 3.17 -0.45 -19.06
CA ASN A 47 3.50 0.25 -17.81
C ASN A 47 3.84 1.73 -18.09
N PRO A 48 2.79 2.58 -18.16
CA PRO A 48 2.97 4.00 -18.51
C PRO A 48 3.54 4.85 -17.37
N GLN A 49 4.02 4.18 -16.32
CA GLN A 49 4.64 4.85 -15.18
C GLN A 49 6.12 4.47 -15.06
N HIS A 50 6.60 3.76 -16.07
CA HIS A 50 7.94 3.14 -16.11
C HIS A 50 8.37 2.49 -14.79
N CYS A 51 7.41 1.84 -14.12
CA CYS A 51 7.64 1.21 -12.83
C CYS A 51 8.48 -0.05 -12.98
N ILE A 52 9.52 -0.16 -12.16
CA ILE A 52 10.11 -1.47 -11.88
C ILE A 52 9.78 -1.79 -10.44
N PRO A 53 9.40 -3.05 -10.18
CA PRO A 53 9.43 -4.17 -11.10
C PRO A 53 8.22 -4.23 -12.05
N THR A 54 8.42 -4.79 -13.22
CA THR A 54 7.31 -5.17 -14.10
C THR A 54 7.37 -6.66 -14.35
N LEU A 55 6.25 -7.33 -14.08
CA LEU A 55 6.09 -8.74 -14.40
C LEU A 55 5.24 -8.91 -15.66
N VAL A 56 5.70 -9.74 -16.59
CA VAL A 56 4.91 -10.07 -17.77
C VAL A 56 4.68 -11.58 -17.76
N ASP A 57 3.43 -11.98 -17.57
CA ASP A 57 3.14 -13.40 -17.43
C ASP A 57 3.06 -14.12 -18.78
N GLU A 58 2.75 -15.41 -18.72
CA GLU A 58 2.68 -16.26 -19.92
C GLU A 58 1.68 -15.76 -20.99
N ASP A 59 0.58 -15.10 -20.60
CA ASP A 59 -0.38 -14.56 -21.57
C ASP A 59 -0.09 -13.12 -21.99
N GLY A 60 1.04 -12.58 -21.55
CA GLY A 60 1.40 -11.20 -21.84
C GLY A 60 0.69 -10.20 -20.93
N PHE A 61 0.06 -10.71 -19.87
CA PHE A 61 -0.52 -9.85 -18.84
C PHE A 61 0.59 -9.12 -18.09
N VAL A 62 0.50 -7.79 -18.09
CA VAL A 62 1.52 -6.92 -17.53
C VAL A 62 1.10 -6.40 -16.15
N LEU A 63 1.96 -6.62 -15.17
CA LEU A 63 1.73 -6.18 -13.81
C LEU A 63 2.94 -5.48 -13.25
N TRP A 64 2.68 -4.35 -12.61
CA TRP A 64 3.66 -3.69 -11.77
C TRP A 64 2.96 -3.43 -10.44
N GLU A 65 3.69 -2.82 -9.54
CA GLU A 65 3.42 -2.79 -8.10
C GLU A 65 3.80 -4.13 -7.46
N SER A 66 4.96 -4.14 -6.80
CA SER A 66 5.53 -5.36 -6.22
C SER A 66 4.56 -6.09 -5.31
N ARG A 67 3.81 -5.33 -4.52
CA ARG A 67 2.90 -5.97 -3.57
C ARG A 67 1.70 -6.61 -4.25
N ALA A 68 1.18 -5.99 -5.30
CA ALA A 68 0.17 -6.64 -6.14
C ALA A 68 0.73 -7.90 -6.85
N ILE A 69 1.97 -7.81 -7.32
CA ILE A 69 2.65 -8.95 -7.92
C ILE A 69 2.80 -10.08 -6.92
N GLN A 70 3.23 -9.76 -5.71
CA GLN A 70 3.39 -10.78 -4.66
C GLN A 70 2.10 -11.59 -4.44
N ILE A 71 0.98 -10.88 -4.34
CA ILE A 71 -0.32 -11.52 -4.12
C ILE A 71 -0.71 -12.37 -5.31
N TYR A 72 -0.51 -11.83 -6.52
CA TYR A 72 -0.81 -12.52 -7.75
C TYR A 72 -0.01 -13.83 -7.84
N LEU A 73 1.26 -13.75 -7.46
CA LEU A 73 2.12 -14.95 -7.48
C LEU A 73 1.57 -16.05 -6.56
N VAL A 74 1.12 -15.68 -5.36
CA VAL A 74 0.54 -16.69 -4.44
C VAL A 74 -0.77 -17.24 -4.99
N GLU A 75 -1.66 -16.33 -5.35
CA GLU A 75 -3.01 -16.69 -5.81
C GLU A 75 -3.01 -17.58 -7.06
N LYS A 76 -2.13 -17.27 -8.01
CA LYS A 76 -2.10 -18.00 -9.25
C LYS A 76 -1.10 -19.16 -9.26
N TYR A 77 0.10 -18.93 -8.73
CA TYR A 77 1.21 -19.88 -8.87
C TYR A 77 1.53 -20.71 -7.63
N GLY A 78 0.98 -20.32 -6.48
CA GLY A 78 1.20 -21.05 -5.24
C GLY A 78 0.00 -21.86 -4.76
N ALA A 79 -1.19 -21.51 -5.26
CA ALA A 79 -2.46 -22.03 -4.75
C ALA A 79 -2.75 -23.49 -5.07
N HIS A 80 -1.92 -24.11 -5.91
CA HIS A 80 -1.99 -25.54 -6.15
C HIS A 80 -1.62 -26.29 -4.87
N ASP A 81 -0.63 -25.75 -4.16
CA ASP A 81 -0.29 -26.21 -2.82
C ASP A 81 -1.05 -25.31 -1.85
N ALA A 82 -2.25 -25.76 -1.48
CA ALA A 82 -3.15 -24.95 -0.68
C ALA A 82 -2.56 -24.59 0.67
N ASP A 83 -1.80 -25.49 1.26
CA ASP A 83 -1.16 -25.25 2.56
C ASP A 83 -0.05 -24.19 2.48
N LEU A 84 0.65 -24.18 1.35
CA LEU A 84 1.71 -23.22 1.12
C LEU A 84 1.13 -21.81 0.92
N ALA A 85 0.14 -21.70 0.05
CA ALA A 85 -0.56 -20.44 -0.21
C ALA A 85 -1.17 -19.88 1.07
N GLU A 86 -1.72 -20.77 1.89
CA GLU A 86 -2.33 -20.41 3.16
C GLU A 86 -1.28 -19.85 4.13
N ARG A 87 -0.10 -20.47 4.15
CA ARG A 87 1.02 -19.95 4.94
C ARG A 87 1.42 -18.54 4.51
N LEU A 88 1.65 -18.36 3.20
CA LEU A 88 2.12 -17.10 2.62
C LEU A 88 1.09 -15.99 2.66
N TYR A 89 -0.18 -16.38 2.63
CA TYR A 89 -1.27 -15.44 2.40
C TYR A 89 -2.57 -15.99 2.96
N PRO A 90 -2.69 -16.05 4.31
CA PRO A 90 -3.88 -16.65 4.93
C PRO A 90 -5.20 -16.03 4.43
N SER A 91 -6.21 -16.88 4.27
CA SER A 91 -7.48 -16.48 3.65
C SER A 91 -8.53 -16.00 4.64
N ASP A 92 -8.39 -16.35 5.92
CA ASP A 92 -9.29 -15.84 6.94
C ASP A 92 -9.27 -14.30 6.87
N PRO A 93 -10.45 -13.67 6.69
CA PRO A 93 -10.47 -12.21 6.51
C PRO A 93 -9.63 -11.42 7.54
N ARG A 94 -9.77 -11.76 8.82
CA ARG A 94 -8.99 -11.07 9.87
C ARG A 94 -7.49 -11.25 9.69
N ARG A 95 -7.07 -12.48 9.43
CA ARG A 95 -5.65 -12.78 9.24
C ARG A 95 -5.13 -12.09 7.99
N ARG A 96 -5.90 -12.18 6.90
CA ARG A 96 -5.50 -11.52 5.67
C ARG A 96 -5.43 -10.00 5.82
N ALA A 97 -6.34 -9.45 6.61
CA ALA A 97 -6.38 -8.00 6.85
C ALA A 97 -5.10 -7.51 7.51
N VAL A 98 -4.56 -8.28 8.45
CA VAL A 98 -3.31 -7.88 9.10
C VAL A 98 -2.16 -7.89 8.08
N VAL A 99 -2.12 -8.92 7.23
CA VAL A 99 -1.14 -9.03 6.14
C VAL A 99 -1.26 -7.81 5.19
N HIS A 100 -2.48 -7.50 4.78
CA HIS A 100 -2.72 -6.30 3.95
C HIS A 100 -2.25 -5.00 4.65
N GLN A 101 -2.59 -4.83 5.93
CA GLN A 101 -2.15 -3.61 6.62
C GLN A 101 -0.61 -3.49 6.68
N ARG A 102 0.08 -4.60 6.92
CA ARG A 102 1.54 -4.59 6.93
C ARG A 102 2.14 -4.28 5.54
N LEU A 103 1.51 -4.78 4.48
CA LEU A 103 1.94 -4.45 3.10
C LEU A 103 1.78 -2.96 2.82
N PHE A 104 0.62 -2.41 3.18
CA PHE A 104 0.40 -0.98 3.07
C PHE A 104 1.36 -0.14 3.92
N PHE A 105 1.61 -0.57 5.16
CA PHE A 105 2.61 0.05 6.06
C PHE A 105 4.00 0.05 5.42
N ASP A 106 4.40 -1.08 4.86
CA ASP A 106 5.68 -1.20 4.21
C ASP A 106 5.84 -0.14 3.11
N VAL A 107 4.89 -0.07 2.18
CA VAL A 107 4.98 0.90 1.08
C VAL A 107 4.86 2.37 1.54
N ALA A 108 3.87 2.66 2.37
CA ALA A 108 3.46 4.03 2.64
C ALA A 108 4.15 4.65 3.87
N VAL A 109 4.73 3.79 4.70
CA VAL A 109 5.32 4.27 5.96
C VAL A 109 6.78 3.82 6.05
N LEU A 110 7.02 2.51 6.06
CA LEU A 110 8.38 2.03 6.33
C LEU A 110 9.39 2.34 5.20
N TYR A 111 9.06 1.95 3.97
CA TYR A 111 9.97 2.29 2.87
C TYR A 111 9.87 3.78 2.52
N GLN A 112 8.67 4.32 2.53
CA GLN A 112 8.46 5.73 2.20
C GLN A 112 9.34 6.69 3.04
N ARG A 113 9.36 6.49 4.36
CA ARG A 113 10.15 7.36 5.25
C ARG A 113 11.66 7.11 5.12
N PHE A 114 12.03 5.86 4.84
CA PHE A 114 13.39 5.53 4.44
C PHE A 114 13.79 6.43 3.26
N ALA A 115 13.00 6.39 2.18
CA ALA A 115 13.28 7.17 0.97
C ALA A 115 13.32 8.67 1.22
N GLU A 116 12.35 9.17 1.99
CA GLU A 116 12.28 10.61 2.27
C GLU A 116 13.51 11.11 3.04
N TYR A 117 14.05 10.27 3.92
CA TYR A 117 15.29 10.60 4.64
C TYR A 117 16.56 10.43 3.81
N TYR A 118 16.69 9.31 3.13
CA TYR A 118 17.95 8.99 2.43
C TYR A 118 18.05 9.49 0.98
N TYR A 119 16.94 9.50 0.24
CA TYR A 119 17.02 9.87 -1.19
C TYR A 119 17.63 11.25 -1.47
N PRO A 120 17.25 12.29 -0.68
CA PRO A 120 17.89 13.59 -0.87
C PRO A 120 19.41 13.58 -0.66
N GLN A 121 19.91 12.62 0.12
CA GLN A 121 21.35 12.52 0.41
C GLN A 121 22.11 11.72 -0.64
N ILE A 122 21.41 10.81 -1.33
CA ILE A 122 22.06 9.91 -2.30
C ILE A 122 21.72 10.20 -3.78
N PHE A 123 20.61 10.90 -4.03
CA PHE A 123 20.22 11.26 -5.38
C PHE A 123 20.12 12.77 -5.62
N GLY A 124 20.15 13.15 -6.91
CA GLY A 124 19.90 14.53 -7.33
C GLY A 124 20.89 15.55 -6.81
N GLN A 125 20.46 16.31 -5.80
CA GLN A 125 21.29 17.37 -5.20
C GLN A 125 22.32 16.86 -4.21
N LYS A 126 22.07 15.68 -3.64
CA LYS A 126 22.91 15.10 -2.57
C LYS A 126 23.12 16.08 -1.41
N VAL A 127 22.04 16.33 -0.67
CA VAL A 127 22.06 17.16 0.54
C VAL A 127 23.10 16.62 1.52
N PRO A 128 24.03 17.48 1.98
CA PRO A 128 25.13 17.06 2.85
C PRO A 128 24.71 16.48 4.20
N VAL A 129 23.47 16.74 4.62
CA VAL A 129 23.01 16.29 5.92
C VAL A 129 21.56 15.78 5.84
N GLY A 130 21.20 14.84 6.72
CA GLY A 130 19.84 14.34 6.80
C GLY A 130 18.93 15.32 7.52
N ASP A 131 17.69 15.44 7.06
CA ASP A 131 16.69 16.22 7.76
C ASP A 131 16.36 15.50 9.06
N PRO A 132 16.44 16.20 10.19
CA PRO A 132 16.15 15.62 11.50
C PRO A 132 14.69 15.23 11.67
N GLY A 133 13.78 16.02 11.10
CA GLY A 133 12.36 15.68 11.10
C GLY A 133 12.10 14.40 10.33
N ARG A 134 12.78 14.24 9.20
CA ARG A 134 12.68 13.02 8.39
C ARG A 134 13.30 11.83 9.11
N LEU A 135 14.42 12.05 9.78
CA LEU A 135 15.02 11.01 10.64
C LEU A 135 14.09 10.58 11.77
N ARG A 136 13.57 11.54 12.53
CA ARG A 136 12.60 11.23 13.58
C ARG A 136 11.44 10.40 13.03
N SER A 137 10.89 10.82 11.89
CA SER A 137 9.79 10.12 11.23
C SER A 137 10.17 8.68 10.82
N MET A 138 11.36 8.54 10.26
CA MET A 138 11.86 7.22 9.88
C MET A 138 12.03 6.29 11.11
N GLU A 139 12.55 6.84 12.21
CA GLU A 139 12.74 6.08 13.43
C GLU A 139 11.40 5.69 14.06
N GLN A 140 10.40 6.57 13.94
CA GLN A 140 9.04 6.26 14.34
C GLN A 140 8.49 5.03 13.61
N ALA A 141 8.83 4.91 12.33
CA ALA A 141 8.38 3.78 11.49
C ALA A 141 9.01 2.49 11.97
N LEU A 142 10.31 2.53 12.27
CA LEU A 142 11.01 1.39 12.89
C LEU A 142 10.45 1.03 14.25
N GLU A 143 10.09 2.02 15.05
CA GLU A 143 9.48 1.76 16.34
C GLU A 143 8.12 1.06 16.23
N PHE A 144 7.30 1.48 15.26
CA PHE A 144 6.04 0.83 14.96
C PHE A 144 6.30 -0.65 14.66
N LEU A 145 7.25 -0.93 13.78
CA LEU A 145 7.56 -2.29 13.35
C LEU A 145 8.03 -3.15 14.53
N ASN A 146 8.91 -2.55 15.35
CA ASN A 146 9.43 -3.18 16.57
C ASN A 146 8.28 -3.55 17.49
N THR A 147 7.33 -2.62 17.61
CA THR A 147 6.09 -2.84 18.35
C THR A 147 5.20 -3.96 17.78
N PHE A 148 4.99 -3.96 16.47
CA PHE A 148 4.24 -5.04 15.80
C PHE A 148 4.85 -6.41 16.10
N LEU A 149 6.18 -6.44 16.22
CA LEU A 149 6.94 -7.68 16.45
C LEU A 149 7.08 -8.10 17.93
N GLU A 150 6.59 -7.27 18.85
CA GLU A 150 6.65 -7.59 20.30
C GLU A 150 5.82 -8.84 20.62
N GLY A 151 6.50 -9.89 21.06
CA GLY A 151 5.85 -11.16 21.37
C GLY A 151 5.44 -11.97 20.15
N GLU A 152 5.87 -11.55 18.96
CA GLU A 152 5.50 -12.23 17.71
C GLU A 152 6.72 -12.62 16.88
N GLN A 153 6.67 -13.80 16.27
CA GLN A 153 7.75 -14.24 15.37
C GLN A 153 7.77 -13.47 14.04
N TYR A 154 6.59 -13.17 13.50
CA TYR A 154 6.47 -12.55 12.18
C TYR A 154 5.61 -11.29 12.18
N VAL A 155 5.75 -10.47 11.14
CA VAL A 155 5.22 -9.10 11.10
C VAL A 155 3.70 -9.00 11.18
N ALA A 156 3.02 -10.03 10.70
CA ALA A 156 1.56 -10.02 10.62
C ALA A 156 0.99 -11.17 11.45
N GLY A 157 1.83 -11.71 12.32
CA GLY A 157 1.51 -12.91 13.09
C GLY A 157 1.63 -14.17 12.25
N GLY A 158 1.10 -15.26 12.79
CA GLY A 158 1.13 -16.56 12.13
C GLY A 158 2.30 -17.38 12.64
N ASP A 159 2.27 -18.67 12.36
CA ASP A 159 3.32 -19.63 12.72
C ASP A 159 4.45 -19.69 11.68
N ASP A 160 4.26 -18.95 10.60
CA ASP A 160 5.15 -18.98 9.44
C ASP A 160 5.22 -17.59 8.79
N PRO A 161 6.31 -17.31 8.05
CA PRO A 161 6.38 -16.06 7.31
C PRO A 161 5.27 -15.93 6.27
N THR A 162 4.72 -14.73 6.14
CA THR A 162 3.75 -14.40 5.11
C THR A 162 4.45 -13.50 4.09
N ILE A 163 3.73 -13.13 3.02
CA ILE A 163 4.27 -12.21 2.03
C ILE A 163 4.62 -10.83 2.60
N ALA A 164 3.93 -10.43 3.67
CA ALA A 164 4.28 -9.19 4.41
C ALA A 164 5.69 -9.23 4.99
N ASP A 165 6.08 -10.38 5.53
CA ASP A 165 7.48 -10.58 5.99
C ASP A 165 8.50 -10.40 4.86
N LEU A 166 8.17 -10.90 3.68
CA LEU A 166 9.07 -10.80 2.53
C LEU A 166 9.19 -9.38 2.04
N SER A 167 8.07 -8.67 2.00
CA SER A 167 8.08 -7.27 1.58
C SER A 167 8.94 -6.43 2.55
N ILE A 168 8.69 -6.63 3.84
CA ILE A 168 9.41 -5.88 4.86
C ILE A 168 10.87 -6.31 4.94
N LEU A 169 11.14 -7.59 4.71
CA LEU A 169 12.54 -8.07 4.67
C LEU A 169 13.34 -7.34 3.59
N ALA A 170 12.73 -7.11 2.42
CA ALA A 170 13.43 -6.40 1.35
C ALA A 170 13.69 -4.94 1.78
N THR A 171 12.71 -4.31 2.41
CA THR A 171 12.83 -2.94 2.90
C THR A 171 13.90 -2.86 3.99
N ILE A 172 13.88 -3.78 4.95
CA ILE A 172 14.80 -3.72 6.09
C ILE A 172 16.25 -3.97 5.67
N ALA A 173 16.44 -4.84 4.67
CA ALA A 173 17.78 -5.07 4.14
C ALA A 173 18.33 -3.77 3.50
N THR A 174 17.42 -2.91 3.06
CA THR A 174 17.82 -1.63 2.47
C THR A 174 18.25 -0.64 3.57
N TYR A 175 17.48 -0.61 4.67
CA TYR A 175 17.92 0.05 5.91
C TYR A 175 19.35 -0.37 6.31
N GLU A 176 19.63 -1.68 6.28
CA GLU A 176 20.95 -2.19 6.69
C GLU A 176 22.09 -1.66 5.81
N VAL A 177 21.94 -1.76 4.49
CA VAL A 177 23.01 -1.29 3.59
C VAL A 177 23.18 0.24 3.63
N ALA A 178 22.11 0.94 4.02
CA ALA A 178 22.15 2.38 4.22
C ALA A 178 23.02 2.75 5.42
N GLY A 179 23.31 1.77 6.28
CA GLY A 179 24.15 2.00 7.46
C GLY A 179 23.37 2.32 8.72
N TYR A 180 22.04 2.17 8.68
CA TYR A 180 21.22 2.35 9.88
C TYR A 180 21.45 1.21 10.86
N ASP A 181 21.71 1.55 12.12
CA ASP A 181 21.96 0.54 13.16
C ASP A 181 20.66 -0.10 13.66
N LEU A 182 20.27 -1.21 13.02
CA LEU A 182 19.01 -1.90 13.34
C LEU A 182 18.98 -2.54 14.73
N ARG A 183 20.15 -2.76 15.31
CA ARG A 183 20.28 -3.26 16.69
C ARG A 183 19.57 -2.39 17.72
N ARG A 184 19.33 -1.12 17.36
CA ARG A 184 18.55 -0.19 18.18
C ARG A 184 17.12 -0.70 18.43
N TYR A 185 16.62 -1.53 17.51
CA TYR A 185 15.26 -2.07 17.57
C TYR A 185 15.33 -3.59 17.68
N GLU A 186 15.35 -4.06 18.93
CA GLU A 186 15.64 -5.45 19.29
C GLU A 186 14.79 -6.46 18.54
N ASN A 187 13.47 -6.23 18.53
CA ASN A 187 12.54 -7.11 17.84
C ASN A 187 12.76 -7.14 16.33
N VAL A 188 13.07 -5.97 15.76
CA VAL A 188 13.33 -5.85 14.31
C VAL A 188 14.58 -6.66 13.96
N GLN A 189 15.63 -6.49 14.75
CA GLN A 189 16.89 -7.19 14.51
C GLN A 189 16.72 -8.71 14.64
N ARG A 190 16.00 -9.14 15.67
CA ARG A 190 15.77 -10.56 15.93
C ARG A 190 15.00 -11.20 14.79
N TRP A 191 13.92 -10.54 14.39
CA TRP A 191 13.09 -10.97 13.28
C TRP A 191 13.88 -10.98 11.95
N TYR A 192 14.74 -9.97 11.78
CA TYR A 192 15.49 -9.82 10.53
C TYR A 192 16.49 -10.96 10.36
N GLU A 193 17.19 -11.32 11.43
CA GLU A 193 18.10 -12.48 11.42
C GLU A 193 17.36 -13.78 11.17
N ARG A 194 16.28 -13.99 11.93
CA ARG A 194 15.54 -15.24 11.90
C ARG A 194 14.92 -15.47 10.52
N THR A 195 14.26 -14.44 10.00
CA THR A 195 13.59 -14.51 8.70
C THR A 195 14.60 -14.67 7.56
N SER A 196 15.71 -13.92 7.60
CA SER A 196 16.75 -14.06 6.57
C SER A 196 17.36 -15.46 6.56
N ALA A 197 17.31 -16.15 7.71
CA ALA A 197 17.86 -17.50 7.84
C ALA A 197 16.99 -18.62 7.25
N ILE A 198 15.72 -18.31 7.00
CA ILE A 198 14.74 -19.35 6.69
C ILE A 198 13.94 -19.19 5.38
N VAL A 199 13.83 -17.99 4.85
CA VAL A 199 12.96 -17.77 3.69
C VAL A 199 13.64 -18.08 2.36
N PRO A 200 12.88 -18.67 1.40
CA PRO A 200 13.44 -18.86 0.07
C PRO A 200 13.83 -17.52 -0.57
N GLY A 201 14.93 -17.53 -1.31
CA GLY A 201 15.42 -16.33 -2.01
C GLY A 201 16.01 -15.24 -1.13
N ALA A 202 16.31 -15.58 0.12
CA ALA A 202 16.96 -14.64 1.02
C ALA A 202 18.33 -14.26 0.45
N ASP A 203 19.00 -15.20 -0.21
CA ASP A 203 20.29 -14.91 -0.88
C ASP A 203 20.18 -13.80 -1.94
N LYS A 204 19.13 -13.85 -2.77
CA LYS A 204 18.84 -12.76 -3.72
C LYS A 204 18.62 -11.43 -3.01
N ASN A 205 17.88 -11.45 -1.91
CA ASN A 205 17.68 -10.23 -1.12
C ASN A 205 18.99 -9.65 -0.60
N VAL A 206 19.80 -10.45 0.05
CA VAL A 206 21.07 -9.94 0.59
C VAL A 206 22.02 -9.43 -0.52
N GLU A 207 22.18 -10.24 -1.56
CA GLU A 207 23.00 -9.93 -2.74
C GLU A 207 22.55 -8.61 -3.38
N GLY A 208 21.24 -8.49 -3.64
CA GLY A 208 20.66 -7.27 -4.18
C GLY A 208 20.75 -6.03 -3.29
N ALA A 209 20.52 -6.19 -1.99
CA ALA A 209 20.60 -5.04 -1.06
C ALA A 209 22.02 -4.47 -1.08
N LYS A 210 23.01 -5.35 -1.14
CA LYS A 210 24.40 -4.94 -1.22
C LYS A 210 24.61 -4.02 -2.43
N VAL A 211 24.01 -4.39 -3.56
CA VAL A 211 24.08 -3.59 -4.78
C VAL A 211 23.58 -2.15 -4.56
N PHE A 212 22.45 -2.00 -3.87
CA PHE A 212 21.92 -0.67 -3.52
C PHE A 212 22.88 0.15 -2.63
N GLY A 213 23.75 -0.54 -1.90
CA GLY A 213 24.82 0.10 -1.15
C GLY A 213 25.79 0.92 -1.99
N ARG A 214 25.71 0.79 -3.32
CA ARG A 214 26.55 1.56 -4.25
C ARG A 214 26.27 3.07 -4.19
N TYR A 215 25.06 3.42 -3.75
CA TYR A 215 24.66 4.81 -3.54
C TYR A 215 25.15 5.35 -2.19
N PHE A 216 25.62 4.44 -1.34
CA PHE A 216 26.18 4.80 -0.03
C PHE A 216 27.68 4.46 0.06
N THR A 217 28.53 5.22 -0.63
CA THR A 217 29.98 4.98 -0.55
C THR A 217 30.77 6.14 0.10
N MET B 1 -20.01 -1.75 14.97
CA MET B 1 -18.56 -1.59 14.81
C MET B 1 -18.13 -0.14 14.93
N ASP B 2 -17.12 0.10 15.76
CA ASP B 2 -16.66 1.46 16.05
C ASP B 2 -15.73 1.93 14.96
N PHE B 3 -15.90 3.20 14.57
CA PHE B 3 -15.16 3.78 13.45
C PHE B 3 -14.54 5.09 13.94
N TYR B 4 -13.23 5.06 14.16
CA TYR B 4 -12.51 6.25 14.64
C TYR B 4 -12.07 7.01 13.41
N TYR B 5 -12.51 8.26 13.31
CA TYR B 5 -12.46 8.99 12.04
C TYR B 5 -12.38 10.51 12.23
N LEU B 6 -12.06 11.22 11.14
CA LEU B 6 -12.28 12.67 11.02
C LEU B 6 -13.07 12.92 9.74
N PRO B 7 -14.06 13.85 9.78
CA PRO B 7 -14.94 14.03 8.62
C PRO B 7 -14.24 14.37 7.28
N GLY B 8 -13.26 15.25 7.29
CA GLY B 8 -12.61 15.69 6.04
C GLY B 8 -11.59 14.73 5.47
N SER B 9 -11.22 13.73 6.27
CA SER B 9 -10.15 12.79 5.92
C SER B 9 -10.49 11.86 4.75
N ALA B 10 -9.61 11.81 3.75
CA ALA B 10 -9.85 11.02 2.53
C ALA B 10 -9.94 9.52 2.83
N PRO B 11 -8.96 8.98 3.59
CA PRO B 11 -9.07 7.55 3.86
C PRO B 11 -10.28 7.19 4.70
N CYS B 12 -10.68 8.06 5.60
CA CYS B 12 -11.95 7.82 6.31
C CYS B 12 -13.16 7.78 5.35
N ARG B 13 -13.22 8.76 4.45
CA ARG B 13 -14.26 8.81 3.43
C ARG B 13 -14.32 7.59 2.52
N ALA B 14 -13.16 7.07 2.12
CA ALA B 14 -13.07 5.82 1.37
C ALA B 14 -13.75 4.67 2.14
N VAL B 15 -13.44 4.58 3.44
CA VAL B 15 -14.08 3.55 4.28
C VAL B 15 -15.59 3.76 4.40
N GLN B 16 -16.03 5.00 4.60
CA GLN B 16 -17.47 5.27 4.68
C GLN B 16 -18.23 4.89 3.40
N MET B 17 -17.65 5.16 2.23
CA MET B 17 -18.27 4.71 0.95
C MET B 17 -18.34 3.18 0.85
N THR B 18 -17.26 2.51 1.23
CA THR B 18 -17.21 1.05 1.22
C THR B 18 -18.22 0.43 2.21
N ALA B 19 -18.35 1.00 3.40
CA ALA B 19 -19.33 0.50 4.37
C ALA B 19 -20.75 0.64 3.83
N ALA B 20 -21.03 1.80 3.21
CA ALA B 20 -22.36 2.03 2.62
C ALA B 20 -22.64 1.03 1.50
N ALA B 21 -21.60 0.67 0.74
CA ALA B 21 -21.73 -0.28 -0.37
C ALA B 21 -22.11 -1.69 0.08
N VAL B 22 -21.64 -2.10 1.27
CA VAL B 22 -21.92 -3.45 1.79
C VAL B 22 -23.02 -3.49 2.87
N GLY B 23 -23.66 -2.35 3.11
CA GLY B 23 -24.78 -2.27 4.06
C GLY B 23 -24.37 -2.30 5.52
N VAL B 24 -23.11 -1.94 5.77
CA VAL B 24 -22.60 -1.87 7.13
C VAL B 24 -22.80 -0.46 7.72
N GLU B 25 -23.39 -0.39 8.91
CA GLU B 25 -23.50 0.88 9.63
C GLU B 25 -22.38 1.01 10.63
N LEU B 26 -21.68 2.14 10.56
CA LEU B 26 -20.53 2.41 11.40
C LEU B 26 -20.94 3.23 12.60
N ASN B 27 -20.44 2.87 13.78
CA ASN B 27 -20.60 3.66 14.98
C ASN B 27 -19.51 4.74 14.98
N LEU B 28 -19.89 5.95 14.61
CA LEU B 28 -18.93 7.06 14.41
C LEU B 28 -18.34 7.60 15.71
N LYS B 29 -17.01 7.53 15.78
CA LYS B 29 -16.26 7.97 16.94
C LYS B 29 -15.26 9.02 16.48
N LEU B 30 -15.69 10.27 16.44
CA LEU B 30 -14.85 11.37 15.99
C LEU B 30 -13.62 11.43 16.87
N THR B 31 -12.47 11.45 16.22
CA THR B 31 -11.16 11.39 16.90
C THR B 31 -10.35 12.57 16.41
N ASN B 32 -10.30 13.61 17.24
CA ASN B 32 -9.69 14.87 16.90
C ASN B 32 -8.20 14.80 17.17
N LEU B 33 -7.43 14.71 16.08
CA LEU B 33 -5.96 14.63 16.15
C LEU B 33 -5.33 15.92 16.68
N MET B 34 -5.88 17.08 16.29
CA MET B 34 -5.38 18.36 16.83
C MET B 34 -5.49 18.42 18.35
N ALA B 35 -6.56 17.83 18.89
CA ALA B 35 -6.75 17.74 20.34
C ALA B 35 -5.95 16.58 20.98
N GLY B 36 -5.30 15.78 20.14
CA GLY B 36 -4.45 14.69 20.62
C GLY B 36 -5.17 13.42 21.04
N GLU B 37 -6.42 13.25 20.59
CA GLU B 37 -7.27 12.11 20.99
C GLU B 37 -6.65 10.76 20.59
N HIS B 38 -5.92 10.76 19.48
CA HIS B 38 -5.26 9.54 18.96
C HIS B 38 -4.04 9.10 19.79
N MET B 39 -3.56 9.98 20.66
CA MET B 39 -2.40 9.70 21.51
C MET B 39 -2.77 9.32 22.96
N LYS B 40 -4.06 9.26 23.27
CA LYS B 40 -4.49 8.83 24.61
C LYS B 40 -4.25 7.32 24.76
N PRO B 41 -3.91 6.85 25.97
CA PRO B 41 -3.58 5.42 26.13
C PRO B 41 -4.69 4.47 25.65
N GLU B 42 -5.96 4.88 25.81
CA GLU B 42 -7.10 4.10 25.31
C GLU B 42 -7.00 3.85 23.81
N PHE B 43 -6.65 4.88 23.06
CA PHE B 43 -6.50 4.70 21.62
C PHE B 43 -5.26 3.89 21.25
N LEU B 44 -4.12 4.20 21.89
CA LEU B 44 -2.86 3.49 21.63
C LEU B 44 -2.94 1.97 21.85
N LYS B 45 -3.70 1.56 22.86
CA LYS B 45 -3.95 0.15 23.16
C LYS B 45 -4.70 -0.56 22.03
N LEU B 46 -5.63 0.16 21.40
CA LEU B 46 -6.30 -0.33 20.20
C LEU B 46 -5.36 -0.33 18.99
N ASN B 47 -4.71 0.80 18.74
CA ASN B 47 -3.91 1.02 17.52
C ASN B 47 -2.59 1.69 17.91
N PRO B 48 -1.51 0.88 17.99
CA PRO B 48 -0.21 1.46 18.34
C PRO B 48 0.37 2.44 17.30
N GLN B 49 -0.18 2.41 16.09
CA GLN B 49 0.24 3.33 15.04
C GLN B 49 -0.56 4.65 15.12
N HIS B 50 -1.47 4.73 16.10
CA HIS B 50 -2.22 5.96 16.40
C HIS B 50 -2.66 6.76 15.16
N CYS B 51 -3.42 6.12 14.29
CA CYS B 51 -3.88 6.73 13.06
C CYS B 51 -5.34 6.43 12.78
N ILE B 52 -5.96 7.32 12.01
CA ILE B 52 -7.32 7.14 11.57
C ILE B 52 -7.37 7.01 10.03
N PRO B 53 -8.30 6.21 9.49
CA PRO B 53 -9.37 5.47 10.16
C PRO B 53 -8.88 4.25 10.93
N THR B 54 -9.56 4.01 12.05
CA THR B 54 -9.38 2.76 12.80
C THR B 54 -10.75 2.16 12.99
N LEU B 55 -10.85 0.88 12.68
CA LEU B 55 -12.09 0.13 12.83
C LEU B 55 -11.94 -0.87 13.97
N VAL B 56 -12.92 -0.91 14.87
CA VAL B 56 -12.99 -1.97 15.85
C VAL B 56 -14.26 -2.80 15.62
N ASP B 57 -14.07 -4.06 15.24
CA ASP B 57 -15.20 -4.95 14.92
C ASP B 57 -15.89 -5.49 16.18
N GLU B 58 -17.00 -6.22 15.98
CA GLU B 58 -17.84 -6.73 17.07
C GLU B 58 -17.10 -7.66 18.03
N ASP B 59 -16.09 -8.38 17.52
CA ASP B 59 -15.29 -9.26 18.38
C ASP B 59 -14.03 -8.57 18.91
N GLY B 60 -13.93 -7.25 18.73
CA GLY B 60 -12.80 -6.49 19.22
C GLY B 60 -11.57 -6.52 18.32
N PHE B 61 -11.70 -7.13 17.14
CA PHE B 61 -10.60 -7.08 16.17
C PHE B 61 -10.39 -5.63 15.76
N VAL B 62 -9.15 -5.17 15.85
CA VAL B 62 -8.81 -3.80 15.49
C VAL B 62 -8.05 -3.75 14.17
N LEU B 63 -8.51 -2.89 13.27
CA LEU B 63 -7.87 -2.74 11.97
C LEU B 63 -7.70 -1.27 11.58
N TRP B 64 -6.58 -0.95 10.93
CA TRP B 64 -6.33 0.39 10.36
C TRP B 64 -5.68 0.26 8.98
N GLU B 65 -5.43 1.40 8.33
CA GLU B 65 -5.13 1.52 6.88
C GLU B 65 -6.43 1.35 6.12
N SER B 66 -6.95 2.46 5.58
CA SER B 66 -8.28 2.49 4.96
C SER B 66 -8.46 1.40 3.90
N ARG B 67 -7.39 1.12 3.14
CA ARG B 67 -7.49 0.17 2.05
C ARG B 67 -7.54 -1.29 2.53
N ALA B 68 -6.85 -1.62 3.63
CA ALA B 68 -7.05 -2.93 4.27
C ALA B 68 -8.47 -3.04 4.87
N ILE B 69 -8.95 -1.97 5.48
CA ILE B 69 -10.33 -1.91 5.95
C ILE B 69 -11.33 -2.16 4.83
N GLN B 70 -11.14 -1.50 3.68
CA GLN B 70 -12.05 -1.72 2.55
C GLN B 70 -12.14 -3.19 2.17
N ILE B 71 -10.99 -3.84 2.06
CA ILE B 71 -10.96 -5.23 1.64
C ILE B 71 -11.66 -6.10 2.70
N TYR B 72 -11.36 -5.86 3.96
CA TYR B 72 -11.99 -6.58 5.08
C TYR B 72 -13.51 -6.41 5.08
N LEU B 73 -13.97 -5.18 4.86
CA LEU B 73 -15.42 -4.94 4.78
C LEU B 73 -16.08 -5.78 3.67
N VAL B 74 -15.47 -5.83 2.49
CA VAL B 74 -16.04 -6.67 1.40
C VAL B 74 -15.97 -8.17 1.72
N GLU B 75 -14.79 -8.66 2.11
CA GLU B 75 -14.59 -10.09 2.40
C GLU B 75 -15.47 -10.58 3.56
N LYS B 76 -15.65 -9.77 4.59
CA LYS B 76 -16.39 -10.23 5.75
C LYS B 76 -17.89 -9.91 5.66
N TYR B 77 -18.23 -8.69 5.24
CA TYR B 77 -19.64 -8.27 5.17
C TYR B 77 -20.25 -8.27 3.76
N GLY B 78 -19.47 -7.88 2.75
CA GLY B 78 -19.94 -7.93 1.38
C GLY B 78 -20.26 -9.35 0.93
N ALA B 79 -19.53 -10.33 1.46
CA ALA B 79 -19.65 -11.74 1.04
C ALA B 79 -21.05 -12.31 1.13
N HIS B 80 -21.90 -11.72 1.98
CA HIS B 80 -23.30 -12.16 2.12
C HIS B 80 -24.13 -11.89 0.86
N ASP B 81 -23.61 -11.04 -0.02
CA ASP B 81 -24.20 -10.73 -1.31
C ASP B 81 -23.12 -11.04 -2.35
N ALA B 82 -23.18 -12.26 -2.89
CA ALA B 82 -22.10 -12.81 -3.71
C ALA B 82 -21.73 -11.94 -4.91
N ASP B 83 -22.74 -11.50 -5.66
CA ASP B 83 -22.53 -10.65 -6.84
C ASP B 83 -21.94 -9.30 -6.47
N LEU B 84 -22.38 -8.77 -5.33
CA LEU B 84 -21.87 -7.48 -4.83
C LEU B 84 -20.39 -7.53 -4.51
N ALA B 85 -19.96 -8.54 -3.75
CA ALA B 85 -18.55 -8.71 -3.42
C ALA B 85 -17.68 -8.84 -4.68
N GLU B 86 -18.19 -9.60 -5.65
CA GLU B 86 -17.54 -9.78 -6.95
C GLU B 86 -17.39 -8.45 -7.73
N ARG B 87 -18.44 -7.61 -7.71
CA ARG B 87 -18.38 -6.28 -8.32
C ARG B 87 -17.33 -5.38 -7.65
N LEU B 88 -17.37 -5.32 -6.31
CA LEU B 88 -16.45 -4.49 -5.54
C LEU B 88 -15.00 -5.00 -5.52
N TYR B 89 -14.83 -6.32 -5.50
CA TYR B 89 -13.52 -6.90 -5.27
C TYR B 89 -13.42 -8.21 -6.06
N PRO B 90 -13.31 -8.12 -7.39
CA PRO B 90 -13.28 -9.32 -8.24
C PRO B 90 -12.23 -10.35 -7.82
N SER B 91 -12.62 -11.61 -7.89
CA SER B 91 -11.83 -12.73 -7.38
C SER B 91 -10.83 -13.28 -8.38
N ASP B 92 -11.03 -13.06 -9.68
CA ASP B 92 -10.08 -13.53 -10.68
C ASP B 92 -8.71 -12.90 -10.35
N PRO B 93 -7.65 -13.74 -10.26
CA PRO B 93 -6.31 -13.23 -9.93
C PRO B 93 -5.89 -12.00 -10.75
N ARG B 94 -6.07 -12.05 -12.07
CA ARG B 94 -5.71 -10.90 -12.91
C ARG B 94 -6.52 -9.66 -12.58
N ARG B 95 -7.82 -9.82 -12.43
CA ARG B 95 -8.68 -8.66 -12.17
C ARG B 95 -8.36 -8.10 -10.81
N ARG B 96 -8.15 -8.99 -9.85
CA ARG B 96 -7.84 -8.54 -8.50
C ARG B 96 -6.47 -7.88 -8.41
N ALA B 97 -5.50 -8.40 -9.18
CA ALA B 97 -4.17 -7.79 -9.24
C ALA B 97 -4.26 -6.31 -9.62
N VAL B 98 -5.07 -6.00 -10.64
CA VAL B 98 -5.28 -4.63 -11.10
C VAL B 98 -5.93 -3.73 -10.02
N VAL B 99 -6.95 -4.25 -9.35
CA VAL B 99 -7.56 -3.56 -8.20
C VAL B 99 -6.47 -3.23 -7.13
N HIS B 100 -5.66 -4.24 -6.75
CA HIS B 100 -4.55 -4.03 -5.80
C HIS B 100 -3.55 -3.01 -6.28
N GLN B 101 -3.16 -3.13 -7.55
CA GLN B 101 -2.21 -2.21 -8.17
C GLN B 101 -2.73 -0.75 -8.01
N ARG B 102 -4.01 -0.53 -8.32
CA ARG B 102 -4.64 0.79 -8.17
C ARG B 102 -4.71 1.27 -6.71
N LEU B 103 -4.98 0.37 -5.77
CA LEU B 103 -4.95 0.72 -4.34
C LEU B 103 -3.57 1.13 -3.88
N PHE B 104 -2.54 0.36 -4.28
CA PHE B 104 -1.17 0.72 -3.96
C PHE B 104 -0.73 2.02 -4.62
N PHE B 105 -1.13 2.22 -5.88
CA PHE B 105 -0.91 3.49 -6.59
C PHE B 105 -1.56 4.67 -5.85
N ASP B 106 -2.80 4.48 -5.41
CA ASP B 106 -3.50 5.53 -4.67
C ASP B 106 -2.71 5.97 -3.40
N VAL B 107 -2.29 5.02 -2.56
CA VAL B 107 -1.62 5.37 -1.30
C VAL B 107 -0.19 5.92 -1.48
N ALA B 108 0.58 5.30 -2.38
CA ALA B 108 1.99 5.58 -2.49
C ALA B 108 2.30 6.69 -3.48
N VAL B 109 1.37 6.96 -4.41
CA VAL B 109 1.64 7.94 -5.46
C VAL B 109 0.59 9.06 -5.51
N LEU B 110 -0.68 8.69 -5.74
CA LEU B 110 -1.71 9.69 -5.96
C LEU B 110 -2.04 10.54 -4.72
N TYR B 111 -2.38 9.90 -3.60
CA TYR B 111 -2.59 10.64 -2.36
C TYR B 111 -1.29 11.15 -1.74
N GLN B 112 -0.23 10.34 -1.82
CA GLN B 112 1.10 10.69 -1.30
C GLN B 112 1.62 12.02 -1.85
N ARG B 113 1.65 12.16 -3.17
CA ARG B 113 2.13 13.36 -3.84
C ARG B 113 1.17 14.54 -3.71
N PHE B 114 -0.10 14.26 -3.49
CA PHE B 114 -1.05 15.29 -3.09
C PHE B 114 -0.61 15.88 -1.75
N ALA B 115 -0.37 15.02 -0.76
CA ALA B 115 0.12 15.46 0.55
C ALA B 115 1.50 16.14 0.48
N GLU B 116 2.35 15.68 -0.44
CA GLU B 116 3.68 16.28 -0.65
C GLU B 116 3.59 17.71 -1.19
N TYR B 117 2.62 17.97 -2.06
CA TYR B 117 2.49 19.30 -2.64
C TYR B 117 1.71 20.30 -1.77
N TYR B 118 0.62 19.84 -1.17
CA TYR B 118 -0.34 20.73 -0.51
C TYR B 118 -0.15 20.98 0.98
N TYR B 119 0.43 20.03 1.71
CA TYR B 119 0.60 20.23 3.15
C TYR B 119 1.78 21.12 3.63
N PRO B 120 2.93 21.10 2.93
CA PRO B 120 3.90 22.14 3.25
C PRO B 120 3.51 23.49 2.64
N ASP B 131 5.57 24.98 -4.63
CA ASP B 131 6.82 24.34 -5.03
C ASP B 131 6.66 23.63 -6.38
N PRO B 132 7.33 24.15 -7.42
CA PRO B 132 7.26 23.60 -8.79
C PRO B 132 7.68 22.13 -8.92
N GLY B 133 8.55 21.65 -8.03
CA GLY B 133 9.03 20.27 -8.08
C GLY B 133 7.98 19.26 -7.67
N ARG B 134 7.41 19.49 -6.50
CA ARG B 134 6.36 18.63 -5.96
C ARG B 134 5.04 18.83 -6.71
N LEU B 135 4.93 19.94 -7.44
CA LEU B 135 3.81 20.18 -8.34
C LEU B 135 3.89 19.27 -9.58
N ARG B 136 5.06 19.23 -10.22
CA ARG B 136 5.29 18.35 -11.37
C ARG B 136 5.20 16.88 -10.97
N SER B 137 5.57 16.59 -9.74
CA SER B 137 5.47 15.25 -9.15
C SER B 137 4.01 14.81 -9.05
N MET B 138 3.16 15.72 -8.57
CA MET B 138 1.73 15.47 -8.42
C MET B 138 0.99 15.42 -9.75
N GLU B 139 1.30 16.34 -10.65
CA GLU B 139 0.67 16.37 -11.98
C GLU B 139 1.01 15.10 -12.75
N GLN B 140 2.18 14.52 -12.47
CA GLN B 140 2.56 13.25 -13.05
C GLN B 140 1.66 12.14 -12.54
N ALA B 141 1.34 12.18 -11.24
CA ALA B 141 0.41 11.21 -10.65
C ALA B 141 -0.97 11.26 -11.34
N LEU B 142 -1.45 12.48 -11.62
CA LEU B 142 -2.74 12.69 -12.29
C LEU B 142 -2.70 12.23 -13.74
N GLU B 143 -1.56 12.45 -14.39
CA GLU B 143 -1.36 12.01 -15.76
C GLU B 143 -1.35 10.48 -15.81
N PHE B 144 -0.68 9.83 -14.85
CA PHE B 144 -0.75 8.37 -14.73
C PHE B 144 -2.20 7.89 -14.63
N LEU B 145 -2.95 8.41 -13.67
CA LEU B 145 -4.38 8.10 -13.51
C LEU B 145 -5.20 8.32 -14.79
N ASN B 146 -4.99 9.46 -15.44
CA ASN B 146 -5.64 9.77 -16.71
C ASN B 146 -5.37 8.67 -17.75
N THR B 147 -4.12 8.21 -17.80
CA THR B 147 -3.71 7.13 -18.69
C THR B 147 -4.38 5.79 -18.31
N PHE B 148 -4.48 5.50 -17.02
CA PHE B 148 -5.20 4.31 -16.54
C PHE B 148 -6.64 4.30 -17.02
N LEU B 149 -7.26 5.47 -17.09
CA LEU B 149 -8.69 5.59 -17.43
C LEU B 149 -8.97 5.80 -18.92
N GLU B 150 -7.92 5.69 -19.75
CA GLU B 150 -8.08 5.81 -21.21
C GLU B 150 -8.91 4.66 -21.76
N GLY B 151 -10.09 4.99 -22.29
CA GLY B 151 -11.00 3.99 -22.85
C GLY B 151 -11.66 3.08 -21.82
N GLU B 152 -11.57 3.47 -20.55
CA GLU B 152 -12.08 2.68 -19.44
C GLU B 152 -13.00 3.53 -18.59
N GLN B 153 -14.11 2.93 -18.16
CA GLN B 153 -15.07 3.62 -17.30
C GLN B 153 -14.55 3.72 -15.86
N TYR B 154 -13.89 2.67 -15.37
CA TYR B 154 -13.42 2.57 -13.99
C TYR B 154 -11.91 2.30 -13.86
N VAL B 155 -11.33 2.69 -12.72
CA VAL B 155 -9.87 2.77 -12.55
C VAL B 155 -9.12 1.48 -12.72
N ALA B 156 -9.76 0.37 -12.36
CA ALA B 156 -9.14 -0.94 -12.44
C ALA B 156 -9.85 -1.77 -13.50
N GLY B 157 -10.55 -1.07 -14.40
CA GLY B 157 -11.42 -1.73 -15.35
C GLY B 157 -12.68 -2.28 -14.69
N GLY B 158 -13.35 -3.15 -15.44
CA GLY B 158 -14.56 -3.78 -14.99
C GLY B 158 -15.75 -3.04 -15.52
N ASP B 159 -16.92 -3.62 -15.29
CA ASP B 159 -18.16 -3.04 -15.76
C ASP B 159 -18.83 -2.27 -14.63
N ASP B 160 -18.27 -2.40 -13.42
CA ASP B 160 -18.79 -1.69 -12.25
C ASP B 160 -17.63 -1.14 -11.42
N PRO B 161 -17.89 -0.10 -10.61
CA PRO B 161 -16.87 0.40 -9.68
C PRO B 161 -16.40 -0.70 -8.73
N THR B 162 -15.11 -0.69 -8.42
CA THR B 162 -14.52 -1.60 -7.47
C THR B 162 -14.09 -0.76 -6.27
N ILE B 163 -13.63 -1.39 -5.19
CA ILE B 163 -13.10 -0.64 -4.04
C ILE B 163 -11.96 0.30 -4.45
N ALA B 164 -11.27 -0.02 -5.55
CA ALA B 164 -10.25 0.90 -6.09
C ALA B 164 -10.86 2.25 -6.52
N ASP B 165 -12.02 2.22 -7.16
CA ASP B 165 -12.73 3.43 -7.54
C ASP B 165 -13.12 4.24 -6.31
N LEU B 166 -13.56 3.54 -5.27
CA LEU B 166 -14.03 4.19 -4.03
C LEU B 166 -12.88 4.85 -3.30
N SER B 167 -11.73 4.19 -3.26
CA SER B 167 -10.54 4.75 -2.65
C SER B 167 -10.06 6.00 -3.41
N ILE B 168 -9.94 5.86 -4.73
CA ILE B 168 -9.49 6.96 -5.58
C ILE B 168 -10.50 8.11 -5.67
N LEU B 169 -11.79 7.80 -5.53
CA LEU B 169 -12.83 8.84 -5.42
C LEU B 169 -12.60 9.73 -4.20
N ALA B 170 -12.25 9.11 -3.07
CA ALA B 170 -11.91 9.87 -1.86
C ALA B 170 -10.71 10.78 -2.09
N THR B 171 -9.66 10.23 -2.69
CA THR B 171 -8.45 11.00 -3.01
C THR B 171 -8.75 12.16 -3.97
N ILE B 172 -9.44 11.87 -5.08
CA ILE B 172 -9.70 12.88 -6.08
C ILE B 172 -10.65 13.99 -5.61
N ALA B 173 -11.61 13.65 -4.76
CA ALA B 173 -12.45 14.71 -4.14
C ALA B 173 -11.60 15.68 -3.30
N THR B 174 -10.56 15.17 -2.64
CA THR B 174 -9.58 16.03 -1.96
C THR B 174 -8.80 16.96 -2.91
N TYR B 175 -8.35 16.43 -4.06
CA TYR B 175 -7.76 17.26 -5.13
C TYR B 175 -8.69 18.38 -5.56
N GLU B 176 -9.98 18.05 -5.68
CA GLU B 176 -10.95 19.01 -6.15
C GLU B 176 -11.12 20.18 -5.17
N VAL B 177 -11.27 19.87 -3.89
CA VAL B 177 -11.47 20.91 -2.86
C VAL B 177 -10.18 21.71 -2.61
N ALA B 178 -9.03 21.06 -2.84
CA ALA B 178 -7.74 21.72 -2.74
C ALA B 178 -7.71 22.90 -3.69
N GLY B 179 -8.29 22.71 -4.87
CA GLY B 179 -8.42 23.76 -5.87
C GLY B 179 -7.75 23.41 -7.20
N TYR B 180 -7.42 22.14 -7.38
CA TYR B 180 -6.75 21.72 -8.62
C TYR B 180 -7.73 21.64 -9.78
N ASP B 181 -7.32 22.17 -10.93
CA ASP B 181 -8.12 22.11 -12.14
C ASP B 181 -8.05 20.69 -12.73
N LEU B 182 -9.00 19.86 -12.32
CA LEU B 182 -9.07 18.45 -12.77
C LEU B 182 -9.49 18.29 -14.22
N ARG B 183 -10.20 19.30 -14.76
CA ARG B 183 -10.65 19.30 -16.15
C ARG B 183 -9.45 19.22 -17.10
N ARG B 184 -8.27 19.55 -16.58
CA ARG B 184 -7.01 19.35 -17.30
C ARG B 184 -6.75 17.89 -17.67
N TYR B 185 -7.28 16.97 -16.87
CA TYR B 185 -7.15 15.54 -17.13
C TYR B 185 -8.51 14.96 -17.50
N GLU B 186 -8.79 15.01 -18.81
CA GLU B 186 -10.11 14.69 -19.39
C GLU B 186 -10.73 13.38 -18.89
N ASN B 187 -9.92 12.33 -18.76
CA ASN B 187 -10.42 11.03 -18.32
C ASN B 187 -10.71 11.00 -16.82
N VAL B 188 -9.88 11.70 -16.05
CA VAL B 188 -10.05 11.79 -14.59
C VAL B 188 -11.34 12.55 -14.26
N GLN B 189 -11.52 13.72 -14.85
CA GLN B 189 -12.74 14.52 -14.65
C GLN B 189 -14.00 13.75 -15.04
N ARG B 190 -14.00 13.16 -16.22
CA ARG B 190 -15.05 12.27 -16.71
C ARG B 190 -15.40 11.13 -15.75
N TRP B 191 -14.39 10.32 -15.40
CA TRP B 191 -14.55 9.25 -14.41
C TRP B 191 -15.07 9.78 -13.05
N TYR B 192 -14.54 10.91 -12.60
CA TYR B 192 -14.89 11.50 -11.31
C TYR B 192 -16.38 11.89 -11.27
N GLU B 193 -16.85 12.57 -12.32
CA GLU B 193 -18.26 12.97 -12.45
C GLU B 193 -19.21 11.80 -12.48
N ARG B 194 -18.92 10.83 -13.33
CA ARG B 194 -19.83 9.72 -13.55
C ARG B 194 -19.84 8.80 -12.36
N THR B 195 -18.66 8.52 -11.80
CA THR B 195 -18.54 7.65 -10.64
C THR B 195 -19.21 8.25 -9.40
N SER B 196 -19.01 9.56 -9.18
CA SER B 196 -19.66 10.28 -8.07
C SER B 196 -21.19 10.25 -8.19
N ALA B 197 -21.69 10.17 -9.41
CA ALA B 197 -23.13 10.12 -9.65
C ALA B 197 -23.74 8.75 -9.33
N ILE B 198 -22.93 7.70 -9.38
CA ILE B 198 -23.46 6.33 -9.28
C ILE B 198 -23.12 5.54 -8.02
N VAL B 199 -22.02 5.91 -7.36
CA VAL B 199 -21.58 5.21 -6.17
C VAL B 199 -22.41 5.63 -4.96
N PRO B 200 -22.90 4.66 -4.16
CA PRO B 200 -23.72 4.98 -2.99
C PRO B 200 -22.87 5.72 -1.95
N GLY B 201 -23.41 6.82 -1.45
CA GLY B 201 -22.69 7.61 -0.46
C GLY B 201 -21.57 8.50 -1.02
N ALA B 202 -21.45 8.55 -2.34
CA ALA B 202 -20.45 9.41 -3.00
C ALA B 202 -20.75 10.90 -2.83
N ASP B 203 -22.02 11.25 -2.66
CA ASP B 203 -22.39 12.62 -2.32
C ASP B 203 -21.88 13.03 -0.94
N LYS B 204 -21.88 12.09 0.00
CA LYS B 204 -21.30 12.31 1.32
C LYS B 204 -19.79 12.51 1.24
N ASN B 205 -19.16 11.82 0.30
CA ASN B 205 -17.72 11.93 0.08
C ASN B 205 -17.36 13.38 -0.27
N VAL B 206 -17.97 13.90 -1.34
CA VAL B 206 -17.68 15.26 -1.77
C VAL B 206 -18.14 16.27 -0.72
N GLU B 207 -19.33 16.02 -0.16
CA GLU B 207 -19.90 16.86 0.89
C GLU B 207 -18.91 17.01 2.03
N GLY B 208 -18.36 15.87 2.46
CA GLY B 208 -17.35 15.78 3.51
C GLY B 208 -15.97 16.32 3.14
N ALA B 209 -15.57 16.14 1.89
CA ALA B 209 -14.37 16.79 1.38
C ALA B 209 -14.52 18.30 1.43
N LYS B 210 -15.67 18.81 0.98
CA LYS B 210 -15.93 20.25 0.86
C LYS B 210 -16.07 20.91 2.22
N VAL B 211 -16.96 20.36 3.05
CA VAL B 211 -17.34 21.01 4.30
C VAL B 211 -16.17 21.04 5.28
N PHE B 212 -15.34 20.00 5.24
CA PHE B 212 -14.23 19.89 6.17
C PHE B 212 -12.86 20.04 5.49
N GLY B 213 -12.53 19.17 4.54
CA GLY B 213 -11.21 19.16 3.91
C GLY B 213 -10.85 20.44 3.17
#